data_5KM0
#
_entry.id   5KM0
#
_cell.length_a   64.325
_cell.length_b   89.589
_cell.length_c   46.372
_cell.angle_alpha   90.000
_cell.angle_beta   90.030
_cell.angle_gamma   90.000
#
_symmetry.space_group_name_H-M   'P 1 21 1'
#
loop_
_entity.id
_entity.type
_entity.pdbx_description
1 polymer 'Histidine triad nucleotide-binding protein 1'
2 non-polymer 'INOSINIC ACID'
3 water water
#
_entity_poly.entity_id   1
_entity_poly.type   'polypeptide(L)'
_entity_poly.pdbx_seq_one_letter_code
;SNAMADEIAKAQVARPGGDTIFGKIIRKEIPAKIIFEDDRCLAFHDISPQAPTHFLVIPKKHISQISVAEDDDESLLGHL
MIVGKKCAADLGLNKGYRMVVNEGSDGGQSVYHVHLHVLGGRQMHWPPG
;
_entity_poly.pdbx_strand_id   B,A,C,D
#
loop_
_chem_comp.id
_chem_comp.type
_chem_comp.name
_chem_comp.formula
IMP non-polymer 'INOSINIC ACID' 'C10 H13 N4 O8 P'
#
# COMPACT_ATOMS: atom_id res chain seq x y z
C GLY A 17 6.00 -16.36 3.20
N GLY A 18 6.51 -15.76 4.27
CA GLY A 18 7.14 -14.45 4.17
C GLY A 18 6.65 -13.42 5.16
N ASP A 19 7.48 -12.40 5.36
CA ASP A 19 7.22 -11.33 6.31
C ASP A 19 6.67 -10.07 5.64
N THR A 20 5.62 -10.24 4.84
CA THR A 20 4.87 -9.11 4.32
C THR A 20 3.39 -9.31 4.56
N ILE A 21 2.61 -8.27 4.29
CA ILE A 21 1.17 -8.36 4.39
C ILE A 21 0.62 -9.44 3.45
N PHE A 22 1.30 -9.71 2.34
CA PHE A 22 0.81 -10.74 1.42
C PHE A 22 1.04 -12.13 1.99
N GLY A 23 2.11 -12.28 2.78
CA GLY A 23 2.34 -13.49 3.53
C GLY A 23 1.23 -13.75 4.53
N LYS A 24 0.80 -12.71 5.24
CA LYS A 24 -0.31 -12.83 6.19
C LYS A 24 -1.60 -13.25 5.47
N ILE A 25 -1.81 -12.70 4.28
CA ILE A 25 -2.99 -13.02 3.50
C ILE A 25 -2.97 -14.49 3.05
N ILE A 26 -1.81 -14.96 2.56
CA ILE A 26 -1.63 -16.37 2.20
C ILE A 26 -1.91 -17.30 3.39
N ARG A 27 -1.48 -16.88 4.59
CA ARG A 27 -1.65 -17.71 5.79
C ARG A 27 -3.04 -17.58 6.41
N LYS A 28 -3.90 -16.75 5.80
CA LYS A 28 -5.29 -16.53 6.20
C LYS A 28 -5.35 -15.81 7.56
N GLU A 29 -4.28 -15.11 7.90
CA GLU A 29 -4.21 -14.38 9.17
C GLU A 29 -5.00 -13.08 9.11
N ILE A 30 -5.09 -12.50 7.92
CA ILE A 30 -5.92 -11.33 7.73
C ILE A 30 -6.78 -11.53 6.49
N PRO A 31 -7.98 -10.92 6.47
CA PRO A 31 -8.89 -11.19 5.36
C PRO A 31 -8.50 -10.54 4.04
N ALA A 32 -8.99 -11.14 2.97
CA ALA A 32 -8.86 -10.65 1.61
C ALA A 32 -10.01 -11.28 0.85
N LYS A 33 -10.49 -10.63 -0.20
CA LYS A 33 -11.53 -11.21 -1.02
C LYS A 33 -10.88 -12.15 -2.02
N ILE A 34 -10.83 -13.44 -1.67
CA ILE A 34 -10.13 -14.44 -2.47
C ILE A 34 -10.93 -14.84 -3.68
N ILE A 35 -10.26 -14.90 -4.83
CA ILE A 35 -10.87 -15.27 -6.11
C ILE A 35 -10.59 -16.72 -6.47
N PHE A 36 -9.34 -17.13 -6.25
CA PHE A 36 -8.90 -18.46 -6.64
C PHE A 36 -7.71 -18.86 -5.80
N GLU A 37 -7.59 -20.15 -5.54
CA GLU A 37 -6.42 -20.64 -4.84
C GLU A 37 -6.05 -22.01 -5.40
N ASP A 38 -4.75 -22.29 -5.48
CA ASP A 38 -4.35 -23.68 -5.63
C ASP A 38 -3.17 -23.95 -4.71
N ASP A 39 -2.33 -24.94 -5.03
CA ASP A 39 -1.27 -25.32 -4.11
C ASP A 39 -0.07 -24.40 -4.19
N ARG A 40 -0.05 -23.49 -5.15
CA ARG A 40 1.17 -22.71 -5.39
C ARG A 40 0.93 -21.23 -5.63
N CYS A 41 -0.33 -20.81 -5.67
CA CYS A 41 -0.63 -19.39 -5.83
C CYS A 41 -1.99 -19.02 -5.24
N LEU A 42 -2.22 -17.71 -5.13
CA LEU A 42 -3.45 -17.18 -4.58
C LEU A 42 -3.87 -15.97 -5.40
N ALA A 43 -5.14 -15.87 -5.76
CA ALA A 43 -5.62 -14.67 -6.43
C ALA A 43 -6.65 -14.00 -5.55
N PHE A 44 -6.56 -12.69 -5.42
CA PHE A 44 -7.47 -11.94 -4.54
C PHE A 44 -7.61 -10.49 -4.98
N HIS A 45 -8.71 -9.85 -4.61
CA HIS A 45 -8.96 -8.48 -5.05
C HIS A 45 -8.03 -7.51 -4.34
N ASP A 46 -7.52 -6.53 -5.08
CA ASP A 46 -6.67 -5.50 -4.49
C ASP A 46 -7.48 -4.63 -3.54
N ILE A 47 -6.94 -4.33 -2.36
CA ILE A 47 -7.66 -3.54 -1.38
C ILE A 47 -7.76 -2.08 -1.82
N SER A 48 -6.90 -1.66 -2.74
CA SER A 48 -6.93 -0.30 -3.26
C SER A 48 -7.06 -0.32 -4.77
N PRO A 49 -8.25 -0.66 -5.28
CA PRO A 49 -8.39 -0.92 -6.72
C PRO A 49 -8.29 0.33 -7.61
N GLN A 50 -7.61 0.15 -8.74
CA GLN A 50 -7.37 1.24 -9.69
C GLN A 50 -8.25 1.08 -10.92
N ALA A 51 -9.14 0.10 -10.89
CA ALA A 51 -10.08 -0.14 -11.99
C ALA A 51 -11.28 -0.87 -11.41
N PRO A 52 -12.41 -0.87 -12.13
CA PRO A 52 -13.60 -1.55 -11.60
C PRO A 52 -13.31 -3.00 -11.20
N THR A 53 -12.46 -3.68 -11.96
CA THR A 53 -11.88 -4.95 -11.51
C THR A 53 -10.37 -4.80 -11.40
N HIS A 54 -9.84 -5.10 -10.22
CA HIS A 54 -8.40 -5.04 -10.01
C HIS A 54 -8.04 -6.12 -9.00
N PHE A 55 -7.37 -7.16 -9.45
CA PHE A 55 -6.95 -8.20 -8.53
C PHE A 55 -5.47 -8.56 -8.71
N LEU A 56 -4.99 -9.37 -7.77
CA LEU A 56 -3.59 -9.79 -7.72
C LEU A 56 -3.51 -11.29 -7.83
N VAL A 57 -2.47 -11.79 -8.50
CA VAL A 57 -2.12 -13.20 -8.43
C VAL A 57 -0.71 -13.30 -7.85
N ILE A 58 -0.55 -14.02 -6.74
CA ILE A 58 0.76 -14.11 -6.09
C ILE A 58 1.16 -15.54 -5.85
N PRO A 59 2.48 -15.83 -5.96
CA PRO A 59 2.94 -17.18 -5.62
C PRO A 59 2.95 -17.40 -4.11
N LYS A 60 2.76 -18.64 -3.69
CA LYS A 60 2.90 -18.94 -2.27
C LYS A 60 4.38 -18.95 -1.88
N LYS A 61 5.25 -19.30 -2.82
CA LYS A 61 6.69 -19.15 -2.62
C LYS A 61 7.04 -17.67 -2.44
N HIS A 62 7.77 -17.31 -1.39
CA HIS A 62 8.09 -15.90 -1.20
C HIS A 62 9.27 -15.50 -2.06
N ILE A 63 8.96 -15.10 -3.28
CA ILE A 63 9.91 -14.43 -4.15
C ILE A 63 9.71 -12.95 -3.89
N SER A 64 10.75 -12.25 -3.46
CA SER A 64 10.54 -10.86 -3.00
C SER A 64 10.24 -9.89 -4.15
N GLN A 65 10.78 -10.18 -5.33
CA GLN A 65 10.63 -9.31 -6.49
C GLN A 65 11.06 -10.09 -7.72
N ILE A 66 10.56 -9.69 -8.89
CA ILE A 66 10.81 -10.47 -10.10
C ILE A 66 12.30 -10.47 -10.46
N SER A 67 13.04 -9.44 -10.07
CA SER A 67 14.45 -9.39 -10.40
C SER A 67 15.28 -10.48 -9.71
N VAL A 68 14.73 -11.13 -8.68
CA VAL A 68 15.47 -12.20 -8.03
C VAL A 68 14.92 -13.60 -8.34
N ALA A 69 13.94 -13.66 -9.23
CA ALA A 69 13.42 -14.96 -9.67
C ALA A 69 14.52 -15.71 -10.44
N GLU A 70 14.59 -17.01 -10.22
CA GLU A 70 15.59 -17.84 -10.88
C GLU A 70 14.99 -18.60 -12.05
N ASP A 71 15.85 -19.23 -12.84
CA ASP A 71 15.42 -19.97 -14.02
C ASP A 71 14.42 -21.06 -13.64
N ASP A 72 14.64 -21.69 -12.49
CA ASP A 72 13.76 -22.76 -12.02
C ASP A 72 12.34 -22.28 -11.71
N ASP A 73 12.16 -20.97 -11.62
CA ASP A 73 10.86 -20.36 -11.33
C ASP A 73 10.03 -20.11 -12.59
N GLU A 74 10.56 -20.50 -13.74
CA GLU A 74 9.89 -20.22 -15.01
C GLU A 74 8.45 -20.71 -15.03
N SER A 75 8.24 -21.98 -14.68
CA SER A 75 6.92 -22.59 -14.71
C SER A 75 5.99 -21.83 -13.78
N LEU A 76 6.49 -21.51 -12.59
CA LEU A 76 5.67 -20.84 -11.58
C LEU A 76 5.21 -19.46 -12.07
N LEU A 77 6.10 -18.73 -12.72
CA LEU A 77 5.76 -17.38 -13.16
C LEU A 77 4.72 -17.45 -14.25
N GLY A 78 4.89 -18.40 -15.17
CA GLY A 78 3.91 -18.61 -16.22
C GLY A 78 2.57 -19.01 -15.63
N HIS A 79 2.62 -19.80 -14.55
CA HIS A 79 1.41 -20.20 -13.86
C HIS A 79 0.63 -18.99 -13.34
N LEU A 80 1.35 -18.00 -12.81
CA LEU A 80 0.70 -16.76 -12.35
C LEU A 80 -0.08 -16.11 -13.50
N MET A 81 0.52 -16.08 -14.70
CA MET A 81 -0.14 -15.44 -15.83
CA MET A 81 -0.13 -15.45 -15.84
C MET A 81 -1.33 -16.25 -16.33
N ILE A 82 -1.20 -17.58 -16.37
CA ILE A 82 -2.33 -18.41 -16.82
C ILE A 82 -3.49 -18.30 -15.82
N VAL A 83 -3.18 -18.31 -14.53
CA VAL A 83 -4.21 -18.12 -13.51
C VAL A 83 -4.84 -16.72 -13.62
N GLY A 84 -4.02 -15.71 -13.89
CA GLY A 84 -4.55 -14.37 -14.11
C GLY A 84 -5.51 -14.33 -15.29
N LYS A 85 -5.12 -14.96 -16.40
CA LYS A 85 -5.95 -15.03 -17.60
C LYS A 85 -7.28 -15.72 -17.28
N LYS A 86 -7.20 -16.82 -16.56
CA LYS A 86 -8.40 -17.59 -16.25
C LYS A 86 -9.32 -16.83 -15.31
N CYS A 87 -8.75 -16.18 -14.30
CA CYS A 87 -9.54 -15.38 -13.37
C CYS A 87 -10.19 -14.18 -14.05
N ALA A 88 -9.45 -13.55 -14.96
CA ALA A 88 -10.00 -12.43 -15.74
C ALA A 88 -11.25 -12.86 -16.52
N ALA A 89 -11.15 -14.01 -17.18
CA ALA A 89 -12.29 -14.58 -17.88
C ALA A 89 -13.44 -14.88 -16.93
N ASP A 90 -13.13 -15.53 -15.81
CA ASP A 90 -14.16 -15.88 -14.81
C ASP A 90 -14.84 -14.64 -14.23
N LEU A 91 -14.14 -13.50 -14.20
CA LEU A 91 -14.72 -12.29 -13.63
C LEU A 91 -15.38 -11.44 -14.71
N GLY A 92 -15.39 -11.96 -15.95
CA GLY A 92 -16.11 -11.34 -17.05
C GLY A 92 -15.38 -10.26 -17.82
N LEU A 93 -14.06 -10.24 -17.73
CA LEU A 93 -13.26 -9.21 -18.39
C LEU A 93 -13.01 -9.53 -19.87
N ASN A 94 -14.07 -9.85 -20.59
CA ASN A 94 -13.90 -10.30 -21.97
C ASN A 94 -13.66 -9.16 -22.96
N LYS A 95 -13.82 -7.93 -22.51
CA LYS A 95 -13.53 -6.78 -23.37
C LYS A 95 -12.05 -6.41 -23.27
N GLY A 96 -11.34 -7.06 -22.35
CA GLY A 96 -9.90 -6.86 -22.24
C GLY A 96 -9.45 -6.48 -20.85
N TYR A 97 -8.13 -6.41 -20.67
CA TYR A 97 -7.53 -6.08 -19.38
C TYR A 97 -6.05 -5.80 -19.55
N ARG A 98 -5.40 -5.36 -18.47
CA ARG A 98 -3.96 -5.13 -18.45
C ARG A 98 -3.32 -5.91 -17.31
N MET A 99 -2.21 -6.57 -17.60
CA MET A 99 -1.42 -7.25 -16.58
C MET A 99 -0.19 -6.44 -16.27
N VAL A 100 0.15 -6.34 -15.00
CA VAL A 100 1.29 -5.52 -14.59
C VAL A 100 2.11 -6.21 -13.51
N VAL A 101 3.43 -6.18 -13.65
CA VAL A 101 4.34 -6.57 -12.59
C VAL A 101 5.30 -5.40 -12.33
N ASN A 102 5.29 -4.91 -11.10
CA ASN A 102 6.17 -3.83 -10.67
C ASN A 102 7.45 -4.35 -10.01
N GLU A 103 8.58 -3.75 -10.36
CA GLU A 103 9.85 -4.08 -9.74
C GLU A 103 10.52 -2.83 -9.16
N GLY A 104 10.79 -2.88 -7.85
CA GLY A 104 11.62 -1.88 -7.20
C GLY A 104 11.02 -0.50 -7.14
N SER A 105 11.86 0.47 -6.79
CA SER A 105 11.43 1.85 -6.60
C SER A 105 10.85 2.49 -7.86
N ASP A 106 11.59 2.41 -8.97
CA ASP A 106 11.13 3.02 -10.21
C ASP A 106 9.88 2.35 -10.76
N GLY A 107 9.70 1.07 -10.45
CA GLY A 107 8.55 0.32 -10.93
C GLY A 107 7.32 0.55 -10.05
N GLY A 108 7.55 1.19 -8.91
CA GLY A 108 6.47 1.47 -7.96
C GLY A 108 6.00 0.26 -7.18
N GLN A 109 6.87 -0.72 -7.00
CA GLN A 109 6.51 -1.94 -6.27
C GLN A 109 6.15 -1.63 -4.82
N SER A 110 4.93 -1.98 -4.43
CA SER A 110 4.40 -1.56 -3.12
C SER A 110 4.63 -2.58 -2.00
N VAL A 111 4.75 -3.85 -2.38
CA VAL A 111 4.96 -4.95 -1.43
C VAL A 111 6.05 -5.83 -1.99
N TYR A 112 7.02 -6.20 -1.16
CA TYR A 112 8.15 -7.01 -1.63
C TYR A 112 7.83 -8.50 -1.48
N HIS A 113 6.79 -8.85 -2.23
CA HIS A 113 6.38 -10.22 -2.49
C HIS A 113 5.87 -10.12 -3.92
N VAL A 114 6.49 -10.84 -4.85
CA VAL A 114 6.11 -10.82 -6.26
CA VAL A 114 6.12 -10.64 -6.24
C VAL A 114 4.61 -10.88 -6.45
N HIS A 115 4.03 -9.98 -7.24
CA HIS A 115 2.61 -10.04 -7.50
C HIS A 115 2.27 -9.57 -8.89
N LEU A 116 1.27 -10.23 -9.48
CA LEU A 116 0.78 -9.88 -10.80
C LEU A 116 -0.54 -9.13 -10.69
N HIS A 117 -0.57 -7.88 -11.15
CA HIS A 117 -1.80 -7.13 -11.19
C HIS A 117 -2.60 -7.47 -12.43
N VAL A 118 -3.91 -7.55 -12.29
CA VAL A 118 -4.80 -7.63 -13.43
C VAL A 118 -5.91 -6.59 -13.25
N LEU A 119 -6.00 -5.68 -14.23
CA LEU A 119 -6.94 -4.56 -14.17
C LEU A 119 -7.84 -4.54 -15.39
N GLY A 120 -9.12 -4.28 -15.18
CA GLY A 120 -10.06 -4.19 -16.28
C GLY A 120 -11.37 -3.58 -15.86
N GLY A 121 -12.35 -3.58 -16.77
CA GLY A 121 -13.65 -3.01 -16.47
C GLY A 121 -13.70 -1.54 -16.83
N ARG A 122 -12.60 -1.04 -17.38
CA ARG A 122 -12.53 0.30 -17.95
C ARG A 122 -11.46 0.32 -19.02
N GLN A 123 -11.47 1.35 -19.85
CA GLN A 123 -10.40 1.57 -20.78
C GLN A 123 -9.10 1.84 -20.01
N MET A 124 -8.06 1.06 -20.30
CA MET A 124 -6.74 1.33 -19.76
C MET A 124 -6.00 2.24 -20.74
N HIS A 125 -5.18 3.15 -20.22
CA HIS A 125 -4.58 4.19 -21.05
C HIS A 125 -3.09 4.02 -21.26
N TRP A 126 -2.52 4.88 -22.09
CA TRP A 126 -1.12 4.79 -22.47
C TRP A 126 -0.51 6.17 -22.35
N PRO A 127 0.64 6.29 -21.68
CA PRO A 127 1.52 5.25 -21.12
C PRO A 127 0.94 4.57 -19.88
N PRO A 128 1.47 3.38 -19.53
CA PRO A 128 0.96 2.63 -18.38
C PRO A 128 1.60 3.12 -17.09
N GLY A 129 1.36 4.39 -16.77
CA GLY A 129 2.04 5.03 -15.67
C GLY A 129 3.33 5.67 -16.15
N ARG B 15 3.92 -18.97 -42.46
CA ARG B 15 5.26 -18.55 -42.10
C ARG B 15 5.48 -18.61 -40.60
N PRO B 16 6.73 -18.92 -40.18
CA PRO B 16 7.07 -18.90 -38.75
C PRO B 16 7.02 -17.48 -38.19
N GLY B 17 6.29 -17.29 -37.08
CA GLY B 17 6.22 -15.99 -36.45
C GLY B 17 4.90 -15.27 -36.63
N GLY B 18 4.01 -15.82 -37.45
CA GLY B 18 2.69 -15.23 -37.63
C GLY B 18 2.62 -14.11 -38.65
N ASP B 19 1.42 -13.54 -38.80
CA ASP B 19 1.15 -12.59 -39.87
C ASP B 19 1.13 -11.13 -39.43
N THR B 20 1.52 -10.86 -38.19
CA THR B 20 1.60 -9.47 -37.73
C THR B 20 2.96 -8.88 -38.05
N ILE B 21 3.15 -7.61 -37.71
CA ILE B 21 4.43 -6.95 -37.95
C ILE B 21 5.53 -7.62 -37.13
N PHE B 22 5.16 -8.25 -36.01
CA PHE B 22 6.14 -8.94 -35.18
C PHE B 22 6.67 -10.20 -35.89
N GLY B 23 5.86 -10.76 -36.77
CA GLY B 23 6.30 -11.88 -37.58
C GLY B 23 7.42 -11.45 -38.52
N LYS B 24 7.25 -10.27 -39.11
CA LYS B 24 8.27 -9.70 -39.99
C LYS B 24 9.57 -9.45 -39.24
N ILE B 25 9.47 -9.05 -37.97
CA ILE B 25 10.65 -8.83 -37.16
C ILE B 25 11.36 -10.15 -36.84
N ILE B 26 10.58 -11.14 -36.43
CA ILE B 26 11.11 -12.47 -36.15
C ILE B 26 11.82 -13.06 -37.38
N ARG B 27 11.17 -12.96 -38.54
CA ARG B 27 11.75 -13.46 -39.78
C ARG B 27 12.82 -12.52 -40.34
N LYS B 28 13.04 -11.42 -39.64
CA LYS B 28 14.07 -10.43 -39.98
C LYS B 28 13.86 -9.86 -41.37
N GLU B 29 12.59 -9.65 -41.73
CA GLU B 29 12.22 -9.00 -42.97
C GLU B 29 12.23 -7.48 -42.82
N ILE B 30 12.06 -7.01 -41.59
CA ILE B 30 12.24 -5.60 -41.26
C ILE B 30 13.15 -5.51 -40.04
N PRO B 31 14.03 -4.50 -40.01
CA PRO B 31 15.01 -4.34 -38.93
C PRO B 31 14.40 -4.08 -37.55
N ALA B 32 15.15 -4.46 -36.53
CA ALA B 32 14.78 -4.17 -35.15
C ALA B 32 16.05 -4.08 -34.34
N LYS B 33 15.94 -3.49 -33.15
CA LYS B 33 17.11 -3.39 -32.28
C LYS B 33 17.01 -4.50 -31.25
N ILE B 34 17.67 -5.61 -31.54
CA ILE B 34 17.49 -6.83 -30.78
C ILE B 34 18.41 -6.87 -29.57
N ILE B 35 17.83 -7.28 -28.46
CA ILE B 35 18.54 -7.35 -27.19
C ILE B 35 18.92 -8.78 -26.89
N PHE B 36 18.02 -9.68 -27.21
CA PHE B 36 18.17 -11.10 -26.89
C PHE B 36 17.36 -11.94 -27.86
N GLU B 37 17.89 -13.11 -28.21
CA GLU B 37 17.17 -14.04 -29.04
C GLU B 37 17.51 -15.48 -28.65
N ASP B 38 16.49 -16.32 -28.58
CA ASP B 38 16.71 -17.77 -28.48
C ASP B 38 15.65 -18.52 -29.24
N ASP B 39 15.56 -19.83 -29.04
CA ASP B 39 14.63 -20.66 -29.79
C ASP B 39 13.17 -20.33 -29.50
N ARG B 40 12.92 -19.72 -28.33
CA ARG B 40 11.56 -19.51 -27.87
C ARG B 40 11.08 -18.07 -27.94
N CYS B 41 12.00 -17.11 -27.95
CA CYS B 41 11.58 -15.73 -27.83
C CYS B 41 12.58 -14.74 -28.41
N LEU B 42 12.17 -13.48 -28.42
CA LEU B 42 12.93 -12.40 -29.01
C LEU B 42 12.63 -11.15 -28.19
N ALA B 43 13.68 -10.41 -27.83
CA ALA B 43 13.52 -9.15 -27.12
C ALA B 43 14.10 -8.04 -27.97
N PHE B 44 13.36 -6.94 -28.09
CA PHE B 44 13.82 -5.83 -28.93
C PHE B 44 13.21 -4.52 -28.46
N HIS B 45 13.85 -3.40 -28.80
CA HIS B 45 13.38 -2.11 -28.32
C HIS B 45 12.10 -1.64 -29.00
N ASP B 46 11.25 -0.98 -28.22
CA ASP B 46 10.01 -0.43 -28.75
C ASP B 46 10.30 0.79 -29.62
N ILE B 47 9.57 0.94 -30.72
CA ILE B 47 9.82 2.07 -31.62
C ILE B 47 9.12 3.34 -31.14
N SER B 48 8.22 3.21 -30.18
CA SER B 48 7.57 4.36 -29.57
C SER B 48 7.72 4.28 -28.05
N PRO B 49 8.94 4.51 -27.56
CA PRO B 49 9.20 4.27 -26.14
C PRO B 49 8.45 5.22 -25.22
N GLN B 50 7.89 4.66 -24.15
CA GLN B 50 7.14 5.42 -23.15
C GLN B 50 7.97 5.65 -21.90
N ALA B 51 9.23 5.25 -21.97
CA ALA B 51 10.18 5.44 -20.87
C ALA B 51 11.60 5.45 -21.46
N PRO B 52 12.59 5.93 -20.69
CA PRO B 52 13.95 6.01 -21.25
C PRO B 52 14.49 4.67 -21.75
N THR B 53 14.10 3.58 -21.09
CA THR B 53 14.30 2.24 -21.64
C THR B 53 12.92 1.60 -21.78
N HIS B 54 12.62 1.08 -22.95
CA HIS B 54 11.33 0.46 -23.22
C HIS B 54 11.53 -0.60 -24.29
N PHE B 55 11.37 -1.85 -23.90
CA PHE B 55 11.53 -2.93 -24.86
C PHE B 55 10.43 -3.96 -24.69
N LEU B 56 10.36 -4.87 -25.66
CA LEU B 56 9.33 -5.90 -25.71
C LEU B 56 10.00 -7.26 -25.67
N VAL B 57 9.35 -8.21 -25.00
CA VAL B 57 9.74 -9.61 -25.10
C VAL B 57 8.59 -10.40 -25.71
N ILE B 58 8.86 -11.08 -26.83
CA ILE B 58 7.80 -11.78 -27.56
C ILE B 58 8.16 -13.24 -27.85
N PRO B 59 7.15 -14.12 -27.86
CA PRO B 59 7.40 -15.51 -28.25
C PRO B 59 7.55 -15.61 -29.75
N LYS B 60 8.36 -16.55 -30.20
CA LYS B 60 8.47 -16.78 -31.64
C LYS B 60 7.23 -17.51 -32.13
N LYS B 61 6.63 -18.32 -31.26
CA LYS B 61 5.32 -18.90 -31.51
C LYS B 61 4.25 -17.83 -31.54
N HIS B 62 3.43 -17.84 -32.59
CA HIS B 62 2.35 -16.87 -32.70
C HIS B 62 1.16 -17.23 -31.82
N ILE B 63 1.03 -16.50 -30.72
CA ILE B 63 -0.15 -16.48 -29.88
C ILE B 63 -0.72 -15.07 -30.01
N SER B 64 -1.98 -14.95 -30.42
CA SER B 64 -2.52 -13.64 -30.77
C SER B 64 -2.65 -12.71 -29.56
N GLN B 65 -3.01 -13.27 -28.42
CA GLN B 65 -3.26 -12.46 -27.22
C GLN B 65 -3.25 -13.39 -26.00
N ILE B 66 -3.06 -12.82 -24.82
CA ILE B 66 -2.82 -13.66 -23.65
C ILE B 66 -4.08 -14.45 -23.28
N SER B 67 -5.24 -13.93 -23.64
CA SER B 67 -6.50 -14.55 -23.27
C SER B 67 -6.73 -15.89 -24.00
N VAL B 68 -6.00 -16.12 -25.08
CA VAL B 68 -6.14 -17.39 -25.80
C VAL B 68 -4.96 -18.34 -25.60
N ALA B 69 -4.03 -17.98 -24.73
CA ALA B 69 -2.92 -18.87 -24.37
C ALA B 69 -3.44 -20.16 -23.75
N GLU B 70 -2.79 -21.27 -24.08
CA GLU B 70 -3.20 -22.57 -23.58
C GLU B 70 -2.43 -22.95 -22.33
N ASP B 71 -2.95 -23.89 -21.55
CA ASP B 71 -2.23 -24.40 -20.38
C ASP B 71 -0.79 -24.80 -20.70
N ASP B 72 -0.59 -25.39 -21.87
CA ASP B 72 0.74 -25.85 -22.28
C ASP B 72 1.68 -24.70 -22.67
N ASP B 73 1.15 -23.48 -22.72
CA ASP B 73 1.97 -22.29 -22.97
C ASP B 73 2.55 -21.71 -21.68
N GLU B 74 2.27 -22.35 -20.54
CA GLU B 74 2.71 -21.83 -19.24
C GLU B 74 4.21 -21.53 -19.17
N SER B 75 5.05 -22.52 -19.51
CA SER B 75 6.50 -22.33 -19.43
C SER B 75 6.99 -21.24 -20.38
N LEU B 76 6.38 -21.15 -21.55
CA LEU B 76 6.74 -20.11 -22.52
C LEU B 76 6.50 -18.73 -21.93
N LEU B 77 5.32 -18.53 -21.32
CA LEU B 77 4.98 -17.23 -20.74
C LEU B 77 5.93 -16.89 -19.59
N GLY B 78 6.23 -17.88 -18.75
CA GLY B 78 7.22 -17.68 -17.71
C GLY B 78 8.58 -17.31 -18.27
N HIS B 79 8.95 -17.93 -19.38
CA HIS B 79 10.22 -17.64 -20.02
C HIS B 79 10.25 -16.20 -20.50
N LEU B 80 9.12 -15.68 -20.97
CA LEU B 80 9.09 -14.27 -21.38
C LEU B 80 9.42 -13.35 -20.21
N MET B 81 8.93 -13.71 -19.03
CA MET B 81 9.16 -12.89 -17.85
CA MET B 81 9.16 -12.90 -17.83
C MET B 81 10.60 -13.01 -17.34
N ILE B 82 11.17 -14.21 -17.43
CA ILE B 82 12.54 -14.45 -17.01
C ILE B 82 13.51 -13.69 -17.92
N VAL B 83 13.27 -13.79 -19.23
CA VAL B 83 14.06 -13.06 -20.21
C VAL B 83 13.89 -11.56 -20.01
N GLY B 84 12.68 -11.12 -19.69
CA GLY B 84 12.43 -9.71 -19.45
C GLY B 84 13.26 -9.20 -18.28
N LYS B 85 13.35 -10.00 -17.23
CA LYS B 85 14.07 -9.60 -16.03
C LYS B 85 15.58 -9.59 -16.28
N LYS B 86 16.07 -10.60 -17.00
CA LYS B 86 17.48 -10.72 -17.31
C LYS B 86 17.91 -9.56 -18.22
N CYS B 87 17.10 -9.27 -19.21
CA CYS B 87 17.38 -8.15 -20.12
C CYS B 87 17.37 -6.82 -19.37
N ALA B 88 16.44 -6.67 -18.43
CA ALA B 88 16.37 -5.44 -17.66
C ALA B 88 17.66 -5.25 -16.87
N ALA B 89 18.15 -6.34 -16.27
CA ALA B 89 19.41 -6.30 -15.53
C ALA B 89 20.58 -5.96 -16.47
N ASP B 90 20.59 -6.60 -17.63
CA ASP B 90 21.63 -6.34 -18.63
C ASP B 90 21.63 -4.90 -19.09
N LEU B 91 20.44 -4.31 -19.19
CA LEU B 91 20.31 -2.91 -19.63
C LEU B 91 20.41 -1.93 -18.46
N GLY B 92 20.88 -2.42 -17.31
CA GLY B 92 21.18 -1.57 -16.17
C GLY B 92 19.99 -0.92 -15.48
N LEU B 93 18.84 -1.58 -15.51
CA LEU B 93 17.67 -1.00 -14.82
C LEU B 93 17.64 -1.41 -13.35
N ASN B 94 18.70 -1.08 -12.63
CA ASN B 94 18.86 -1.49 -11.24
C ASN B 94 17.93 -0.74 -10.29
N LYS B 95 17.37 0.38 -10.74
CA LYS B 95 16.47 1.17 -9.90
C LYS B 95 15.03 0.67 -9.99
N GLY B 96 14.79 -0.28 -10.90
CA GLY B 96 13.47 -0.86 -11.05
C GLY B 96 12.89 -0.69 -12.43
N TYR B 97 11.72 -1.28 -12.64
CA TYR B 97 11.05 -1.30 -13.94
C TYR B 97 9.65 -1.84 -13.80
N ARG B 98 8.87 -1.68 -14.85
CA ARG B 98 7.50 -2.19 -14.87
C ARG B 98 7.29 -3.09 -16.07
N MET B 99 6.70 -4.26 -15.83
CA MET B 99 6.32 -5.18 -16.90
C MET B 99 4.83 -5.07 -17.18
N VAL B 100 4.46 -5.07 -18.46
CA VAL B 100 3.08 -4.85 -18.85
C VAL B 100 2.63 -5.79 -19.98
N VAL B 101 1.44 -6.35 -19.85
CA VAL B 101 0.79 -7.04 -20.96
C VAL B 101 -0.56 -6.39 -21.24
N ASN B 102 -0.75 -5.91 -22.47
CA ASN B 102 -2.04 -5.34 -22.89
C ASN B 102 -2.93 -6.35 -23.60
N GLU B 103 -4.09 -6.62 -23.02
CA GLU B 103 -5.02 -7.58 -23.62
C GLU B 103 -6.29 -6.92 -24.15
N GLY B 104 -6.50 -7.05 -25.45
CA GLY B 104 -7.78 -6.69 -26.04
C GLY B 104 -8.06 -5.21 -26.06
N SER B 105 -9.33 -4.86 -26.25
CA SER B 105 -9.76 -3.48 -26.42
C SER B 105 -9.51 -2.63 -25.18
N ASP B 106 -10.02 -3.08 -24.04
CA ASP B 106 -9.85 -2.35 -22.79
C ASP B 106 -8.40 -2.30 -22.35
N GLY B 107 -7.62 -3.31 -22.75
CA GLY B 107 -6.21 -3.33 -22.44
C GLY B 107 -5.37 -2.40 -23.31
N GLY B 108 -5.95 -1.97 -24.42
CA GLY B 108 -5.28 -1.06 -25.33
C GLY B 108 -4.45 -1.76 -26.38
N GLN B 109 -4.61 -3.08 -26.49
CA GLN B 109 -3.80 -3.87 -27.42
C GLN B 109 -3.96 -3.40 -28.87
N SER B 110 -2.84 -3.29 -29.58
CA SER B 110 -2.87 -2.91 -31.00
C SER B 110 -2.14 -3.93 -31.89
N VAL B 111 -1.13 -4.61 -31.36
CA VAL B 111 -0.50 -5.70 -32.11
C VAL B 111 -0.94 -7.04 -31.51
N TYR B 112 -1.60 -7.86 -32.32
CA TYR B 112 -2.16 -9.11 -31.84
C TYR B 112 -1.19 -10.27 -32.03
N HIS B 113 -0.10 -10.13 -31.28
CA HIS B 113 0.94 -11.13 -31.09
C HIS B 113 1.36 -10.91 -29.64
N VAL B 114 1.16 -11.90 -28.78
CA VAL B 114 1.47 -11.76 -27.34
C VAL B 114 2.84 -11.16 -27.09
N HIS B 115 2.90 -10.17 -26.22
CA HIS B 115 4.18 -9.58 -25.86
C HIS B 115 4.16 -8.93 -24.49
N LEU B 116 5.34 -8.87 -23.90
CA LEU B 116 5.56 -8.25 -22.60
C LEU B 116 6.37 -6.97 -22.77
N HIS B 117 5.84 -5.85 -22.29
CA HIS B 117 6.57 -4.59 -22.24
C HIS B 117 7.45 -4.59 -21.01
N VAL B 118 8.64 -4.02 -21.12
CA VAL B 118 9.47 -3.74 -19.96
C VAL B 118 9.90 -2.29 -20.06
N LEU B 119 9.52 -1.50 -19.05
CA LEU B 119 9.74 -0.05 -19.06
C LEU B 119 10.53 0.37 -17.83
N GLY B 120 11.53 1.22 -18.03
CA GLY B 120 12.34 1.68 -16.91
C GLY B 120 13.11 2.93 -17.24
N GLY B 121 13.92 3.37 -16.28
CA GLY B 121 14.75 4.53 -16.45
C GLY B 121 14.09 5.83 -16.01
N ARG B 122 12.87 5.73 -15.50
CA ARG B 122 12.18 6.84 -14.86
C ARG B 122 11.24 6.31 -13.79
N GLN B 123 10.74 7.20 -12.96
CA GLN B 123 9.71 6.82 -12.00
C GLN B 123 8.44 6.48 -12.76
N MET B 124 7.93 5.27 -12.56
CA MET B 124 6.62 4.90 -13.10
C MET B 124 5.55 5.30 -12.09
N HIS B 125 4.39 5.67 -12.59
CA HIS B 125 3.31 6.20 -11.76
C HIS B 125 2.18 5.21 -11.56
N TRP B 126 1.33 5.50 -10.59
CA TRP B 126 0.16 4.69 -10.29
C TRP B 126 -1.07 5.58 -10.45
N PRO B 127 -2.13 5.07 -11.08
CA PRO B 127 -2.37 3.75 -11.68
C PRO B 127 -1.54 3.55 -12.95
N PRO B 128 -1.41 2.28 -13.39
CA PRO B 128 -0.63 2.00 -14.59
C PRO B 128 -1.46 2.19 -15.85
N GLY B 129 -1.82 3.43 -16.11
CA GLY B 129 -2.79 3.73 -17.16
C GLY B 129 -4.20 3.56 -16.65
N GLY C 18 -6.42 10.37 -4.06
CA GLY C 18 -7.19 11.59 -3.88
C GLY C 18 -6.64 12.83 -4.56
N ASP C 19 -7.33 13.96 -4.33
CA ASP C 19 -7.01 15.21 -4.99
C ASP C 19 -6.20 16.16 -4.10
N THR C 20 -5.27 15.61 -3.34
CA THR C 20 -4.35 16.43 -2.54
C THR C 20 -2.92 16.09 -2.91
N ILE C 21 -1.99 16.84 -2.33
CA ILE C 21 -0.58 16.58 -2.53
C ILE C 21 -0.19 15.19 -2.01
N PHE C 22 -0.92 14.66 -1.03
CA PHE C 22 -0.61 13.31 -0.55
C PHE C 22 -1.04 12.26 -1.56
N GLY C 23 -2.12 12.54 -2.28
CA GLY C 23 -2.52 11.70 -3.40
C GLY C 23 -1.41 11.64 -4.44
N LYS C 24 -0.81 12.78 -4.75
CA LYS C 24 0.29 12.81 -5.71
C LYS C 24 1.48 11.99 -5.22
N ILE C 25 1.78 12.09 -3.92
CA ILE C 25 2.85 11.30 -3.33
C ILE C 25 2.56 9.79 -3.42
N ILE C 26 1.33 9.40 -3.08
CA ILE C 26 0.89 8.00 -3.21
C ILE C 26 1.06 7.49 -4.63
N ARG C 27 0.74 8.34 -5.61
CA ARG C 27 0.80 7.92 -7.01
C ARG C 27 2.21 8.03 -7.60
N LYS C 28 3.18 8.44 -6.78
CA LYS C 28 4.59 8.60 -7.12
C LYS C 28 4.79 9.70 -8.16
N GLU C 29 3.86 10.64 -8.22
CA GLU C 29 3.95 11.75 -9.18
C GLU C 29 4.94 12.82 -8.75
N ILE C 30 5.08 12.99 -7.44
CA ILE C 30 6.09 13.87 -6.90
C ILE C 30 6.87 13.12 -5.83
N PRO C 31 8.12 13.50 -5.59
CA PRO C 31 8.92 12.69 -4.67
C PRO C 31 8.63 12.94 -3.20
N ALA C 32 8.96 11.94 -2.41
CA ALA C 32 8.92 11.98 -0.97
C ALA C 32 9.91 10.92 -0.48
N LYS C 33 10.47 11.13 0.71
CA LYS C 33 11.36 10.14 1.28
C LYS C 33 10.56 9.03 1.95
N ILE C 34 10.37 7.94 1.20
CA ILE C 34 9.49 6.86 1.62
C ILE C 34 10.20 5.93 2.59
N ILE C 35 9.53 5.64 3.70
CA ILE C 35 10.05 4.79 4.77
C ILE C 35 9.52 3.37 4.65
N PHE C 36 8.25 3.26 4.30
CA PHE C 36 7.59 1.96 4.22
C PHE C 36 6.36 2.05 3.34
N GLU C 37 6.01 0.95 2.70
CA GLU C 37 4.81 0.92 1.88
C GLU C 37 4.23 -0.48 1.95
N ASP C 38 2.91 -0.59 1.94
CA ASP C 38 2.28 -1.88 1.65
C ASP C 38 1.08 -1.63 0.75
N ASP C 39 0.12 -2.54 0.74
CA ASP C 39 -0.96 -2.45 -0.23
C ASP C 39 -2.02 -1.44 0.17
N ARG C 40 -1.94 -0.92 1.39
CA ARG C 40 -3.01 -0.08 1.94
C ARG C 40 -2.54 1.19 2.65
N CYS C 41 -1.23 1.38 2.77
CA CYS C 41 -0.71 2.59 3.41
C CYS C 41 0.69 2.94 2.93
N LEU C 42 1.09 4.17 3.25
CA LEU C 42 2.41 4.69 2.87
C LEU C 42 2.98 5.48 4.04
N ALA C 43 4.25 5.28 4.35
CA ALA C 43 4.91 6.09 5.38
C ALA C 43 6.07 6.83 4.75
N PHE C 44 6.15 8.13 5.04
CA PHE C 44 7.19 8.98 4.48
C PHE C 44 7.55 10.14 5.40
N HIS C 45 8.76 10.68 5.24
CA HIS C 45 9.20 11.77 6.09
C HIS C 45 8.46 13.05 5.76
N ASP C 46 8.08 13.79 6.80
CA ASP C 46 7.39 15.07 6.61
C ASP C 46 8.37 16.08 5.99
N ILE C 47 7.90 16.81 4.98
CA ILE C 47 8.73 17.81 4.32
C ILE C 47 9.02 19.03 5.21
N SER C 48 8.21 19.23 6.24
CA SER C 48 8.44 20.33 7.19
C SER C 48 8.52 19.76 8.61
N PRO C 49 9.63 19.08 8.94
CA PRO C 49 9.71 18.33 10.19
C PRO C 49 9.77 19.23 11.44
N GLN C 50 9.06 18.79 12.48
CA GLN C 50 8.94 19.53 13.72
C GLN C 50 9.75 18.86 14.83
N ALA C 51 10.47 17.81 14.46
CA ALA C 51 11.31 17.07 15.39
C ALA C 51 12.42 16.42 14.58
N PRO C 52 13.52 15.99 15.24
CA PRO C 52 14.61 15.37 14.49
C PRO C 52 14.12 14.19 13.63
N THR C 53 13.13 13.47 14.14
CA THR C 53 12.41 12.49 13.32
C THR C 53 10.95 12.89 13.26
N HIS C 54 10.43 13.06 12.06
CA HIS C 54 9.04 13.43 11.89
C HIS C 54 8.53 12.83 10.59
N PHE C 55 7.73 11.78 10.71
CA PHE C 55 7.13 11.18 9.52
C PHE C 55 5.62 11.00 9.60
N LEU C 56 5.04 10.62 8.46
CA LEU C 56 3.60 10.45 8.32
C LEU C 56 3.29 9.03 7.90
N VAL C 57 2.19 8.50 8.41
CA VAL C 57 1.62 7.27 7.87
C VAL C 57 0.24 7.61 7.33
N ILE C 58 0.00 7.32 6.06
CA ILE C 58 -1.28 7.68 5.43
C ILE C 58 -1.90 6.46 4.75
N PRO C 59 -3.24 6.37 4.78
CA PRO C 59 -3.91 5.30 4.02
C PRO C 59 -3.91 5.59 2.53
N LYS C 60 -3.91 4.55 1.71
CA LYS C 60 -4.03 4.80 0.28
C LYS C 60 -5.47 5.16 -0.07
N LYS C 61 -6.42 4.69 0.73
CA LYS C 61 -7.82 5.07 0.60
C LYS C 61 -7.99 6.56 0.94
N HIS C 62 -8.62 7.33 0.07
CA HIS C 62 -8.77 8.76 0.35
C HIS C 62 -9.88 9.02 1.35
N ILE C 63 -9.54 8.91 2.61
CA ILE C 63 -10.38 9.38 3.70
C ILE C 63 -9.93 10.80 3.97
N SER C 64 -10.83 11.77 3.82
CA SER C 64 -10.39 13.17 3.84
C SER C 64 -9.99 13.65 5.23
N GLN C 65 -10.61 13.08 6.26
CA GLN C 65 -10.38 13.51 7.64
C GLN C 65 -10.93 12.43 8.54
N ILE C 66 -10.41 12.33 9.76
CA ILE C 66 -10.79 11.22 10.64
C ILE C 66 -12.28 11.33 11.01
N SER C 67 -12.85 12.52 10.97
CA SER C 67 -14.26 12.68 11.34
C SER C 67 -15.22 12.01 10.36
N VAL C 68 -14.75 11.67 9.16
CA VAL C 68 -15.63 11.00 8.20
C VAL C 68 -15.27 9.52 8.02
N ALA C 69 -14.33 9.03 8.81
CA ALA C 69 -14.01 7.61 8.82
C ALA C 69 -15.23 6.80 9.27
N GLU C 70 -15.40 5.61 8.69
CA GLU C 70 -16.53 4.75 9.04
C GLU C 70 -16.13 3.60 9.95
N ASP C 71 -17.11 2.89 10.51
CA ASP C 71 -16.80 1.75 11.36
C ASP C 71 -15.95 0.72 10.61
N ASP C 72 -16.22 0.55 9.33
CA ASP C 72 -15.52 -0.45 8.51
C ASP C 72 -14.04 -0.09 8.32
N ASP C 73 -13.67 1.14 8.68
CA ASP C 73 -12.31 1.63 8.57
C ASP C 73 -11.48 1.30 9.80
N GLU C 74 -12.08 0.62 10.76
CA GLU C 74 -11.42 0.36 12.02
C GLU C 74 -10.05 -0.30 11.86
N SER C 75 -9.98 -1.40 11.13
CA SER C 75 -8.72 -2.12 11.03
C SER C 75 -7.68 -1.30 10.26
N LEU C 76 -8.12 -0.55 9.24
CA LEU C 76 -7.22 0.32 8.49
C LEU C 76 -6.60 1.39 9.37
N LEU C 77 -7.43 2.04 10.18
CA LEU C 77 -6.91 3.07 11.08
C LEU C 77 -5.93 2.45 12.09
N GLY C 78 -6.28 1.29 12.65
CA GLY C 78 -5.36 0.61 13.54
C GLY C 78 -4.08 0.20 12.83
N HIS C 79 -4.18 -0.16 11.56
CA HIS C 79 -3.02 -0.50 10.76
C HIS C 79 -2.04 0.69 10.64
N LEU C 80 -2.58 1.89 10.49
CA LEU C 80 -1.74 3.09 10.42
C LEU C 80 -0.91 3.21 11.69
N MET C 81 -1.52 2.92 12.84
CA MET C 81 -0.83 3.05 14.11
C MET C 81 0.21 1.95 14.30
N ILE C 82 -0.12 0.72 13.90
CA ILE C 82 0.83 -0.37 13.99
C ILE C 82 2.04 -0.09 13.08
N VAL C 83 1.79 0.38 11.86
CA VAL C 83 2.88 0.71 10.94
C VAL C 83 3.70 1.87 11.52
N GLY C 84 3.03 2.85 12.12
CA GLY C 84 3.71 3.96 12.76
C GLY C 84 4.66 3.46 13.85
N LYS C 85 4.15 2.57 14.69
CA LYS C 85 4.93 1.95 15.76
C LYS C 85 6.17 1.22 15.21
N LYS C 86 5.96 0.43 14.17
CA LYS C 86 7.05 -0.33 13.58
C LYS C 86 8.10 0.55 12.90
N CYS C 87 7.64 1.57 12.16
CA CYS C 87 8.56 2.52 11.57
C CYS C 87 9.35 3.31 12.60
N ALA C 88 8.70 3.69 13.70
CA ALA C 88 9.39 4.41 14.76
C ALA C 88 10.55 3.58 15.29
N ALA C 89 10.28 2.30 15.54
CA ALA C 89 11.31 1.39 16.02
C ALA C 89 12.42 1.24 14.98
N ASP C 90 12.03 1.09 13.72
CA ASP C 90 12.99 0.97 12.62
C ASP C 90 13.87 2.20 12.45
N LEU C 91 13.35 3.37 12.82
CA LEU C 91 14.10 4.63 12.69
C LEU C 91 14.88 4.97 13.96
N GLY C 92 14.82 4.07 14.94
CA GLY C 92 15.66 4.20 16.12
C GLY C 92 15.12 5.10 17.22
N LEU C 93 13.80 5.28 17.26
CA LEU C 93 13.17 6.13 18.27
C LEU C 93 12.97 5.40 19.59
N ASN C 94 14.06 5.12 20.27
CA ASN C 94 14.01 4.25 21.45
C ASN C 94 13.73 4.99 22.74
N LYS C 95 13.73 6.32 22.69
CA LYS C 95 13.52 7.14 23.87
C LYS C 95 12.09 7.67 23.92
N GLY C 96 11.26 7.24 22.97
CA GLY C 96 9.87 7.65 22.96
C GLY C 96 9.47 8.42 21.72
N TYR C 97 8.19 8.73 21.61
CA TYR C 97 7.67 9.51 20.50
C TYR C 97 6.24 9.96 20.76
N ARG C 98 5.72 10.81 19.88
CA ARG C 98 4.34 11.24 19.95
C ARG C 98 3.64 10.98 18.62
N MET C 99 2.45 10.40 18.70
CA MET C 99 1.58 10.22 17.55
C MET C 99 0.48 11.27 17.58
N VAL C 100 0.20 11.87 16.43
CA VAL C 100 -0.78 12.93 16.33
C VAL C 100 -1.67 12.74 15.09
N VAL C 101 -2.97 12.88 15.27
CA VAL C 101 -3.91 13.02 14.16
C VAL C 101 -4.64 14.36 14.34
N ASN C 102 -4.51 15.24 13.37
CA ASN C 102 -5.25 16.51 13.36
C ASN C 102 -6.56 16.43 12.60
N GLU C 103 -7.60 17.06 13.15
CA GLU C 103 -8.88 17.16 12.48
C GLU C 103 -9.36 18.61 12.34
N GLY C 104 -9.62 19.01 11.11
CA GLY C 104 -10.26 20.28 10.82
C GLY C 104 -9.46 21.52 11.20
N SER C 105 -10.15 22.65 11.23
CA SER C 105 -9.50 23.94 11.46
C SER C 105 -8.87 24.02 12.85
N ASP C 106 -9.65 23.70 13.89
CA ASP C 106 -9.13 23.78 15.24
C ASP C 106 -8.00 22.77 15.47
N GLY C 107 -8.06 21.63 14.78
CA GLY C 107 -7.01 20.64 14.93
C GLY C 107 -5.75 20.98 14.17
N GLY C 108 -5.83 22.02 13.35
CA GLY C 108 -4.71 22.45 12.51
C GLY C 108 -4.35 21.48 11.41
N GLN C 109 -5.36 20.75 10.91
CA GLN C 109 -5.17 19.82 9.80
C GLN C 109 -4.69 20.57 8.55
N SER C 110 -3.55 20.15 8.01
CA SER C 110 -2.89 20.88 6.92
CA SER C 110 -2.92 20.90 6.92
C SER C 110 -3.24 20.33 5.55
N VAL C 111 -3.56 19.05 5.50
CA VAL C 111 -3.93 18.37 4.26
C VAL C 111 -5.17 17.52 4.50
N TYR C 112 -6.16 17.65 3.62
CA TYR C 112 -7.40 16.90 3.79
C TYR C 112 -7.31 15.51 3.15
N HIS C 113 -6.37 14.76 3.70
CA HIS C 113 -6.20 13.33 3.49
C HIS C 113 -5.70 12.87 4.84
N VAL C 114 -6.43 11.95 5.49
N VAL C 114 -6.44 11.98 5.51
CA VAL C 114 -6.07 11.47 6.82
CA VAL C 114 -6.11 11.66 6.89
C VAL C 114 -4.60 11.13 6.94
C VAL C 114 -4.67 11.15 6.98
N HIS C 115 -3.95 11.60 8.00
CA HIS C 115 -2.56 11.23 8.20
C HIS C 115 -2.19 11.18 9.67
N LEU C 116 -1.38 10.19 10.01
CA LEU C 116 -0.86 10.01 11.34
C LEU C 116 0.56 10.59 11.41
N HIS C 117 0.77 11.60 12.27
CA HIS C 117 2.12 12.09 12.51
C HIS C 117 2.83 11.22 13.53
N VAL C 118 4.12 11.00 13.33
CA VAL C 118 4.95 10.41 14.37
C VAL C 118 6.19 11.29 14.54
N LEU C 119 6.38 11.81 15.75
CA LEU C 119 7.48 12.72 16.04
C LEU C 119 8.33 12.23 17.18
N GLY C 120 9.64 12.31 17.03
CA GLY C 120 10.54 11.93 18.10
C GLY C 120 11.94 12.47 17.89
N GLY C 121 12.87 12.06 18.74
CA GLY C 121 14.24 12.52 18.62
C GLY C 121 14.50 13.76 19.46
N ARG C 122 13.46 14.23 20.14
CA ARG C 122 13.57 15.32 21.10
C ARG C 122 12.48 15.17 22.13
N GLN C 123 12.59 15.89 23.23
CA GLN C 123 11.52 15.92 24.22
C GLN C 123 10.29 16.60 23.61
N MET C 124 9.16 15.90 23.66
CA MET C 124 7.90 16.52 23.26
C MET C 124 7.26 17.13 24.49
N HIS C 125 6.62 18.27 24.31
CA HIS C 125 6.15 19.06 25.43
C HIS C 125 4.65 18.97 25.66
N TRP C 126 4.19 19.57 26.75
CA TRP C 126 2.78 19.55 27.13
C TRP C 126 2.38 20.98 27.48
N PRO C 127 1.25 21.48 26.94
CA PRO C 127 0.26 20.83 26.07
C PRO C 127 0.77 20.51 24.67
N PRO C 128 0.10 19.60 23.95
CA PRO C 128 0.55 19.20 22.62
C PRO C 128 0.07 20.18 21.56
N GLY C 129 0.53 21.43 21.68
CA GLY C 129 -0.02 22.50 20.88
C GLY C 129 -1.23 23.11 21.56
N ASP D 19 -0.84 -2.74 37.02
CA ASP D 19 -1.92 -1.94 37.60
C ASP D 19 -1.62 -0.44 37.47
N THR D 20 -2.61 0.31 37.00
CA THR D 20 -2.49 1.76 36.89
C THR D 20 -3.76 2.41 37.41
N ILE D 21 -3.76 3.74 37.44
CA ILE D 21 -4.96 4.48 37.86
C ILE D 21 -6.11 4.24 36.87
N PHE D 22 -5.78 3.96 35.61
CA PHE D 22 -6.81 3.72 34.59
C PHE D 22 -7.48 2.37 34.84
N GLY D 23 -6.72 1.43 35.40
CA GLY D 23 -7.28 0.15 35.80
C GLY D 23 -8.36 0.36 36.86
N LYS D 24 -8.07 1.23 37.81
CA LYS D 24 -9.02 1.54 38.88
C LYS D 24 -10.26 2.25 38.34
N ILE D 25 -10.08 3.08 37.31
CA ILE D 25 -11.20 3.74 36.65
C ILE D 25 -12.09 2.72 35.91
N ILE D 26 -11.46 1.78 35.23
CA ILE D 26 -12.17 0.73 34.51
C ILE D 26 -13.00 -0.13 35.48
N ARG D 27 -12.43 -0.42 36.65
CA ARG D 27 -13.13 -1.22 37.66
C ARG D 27 -14.11 -0.41 38.48
N LYS D 28 -14.18 0.90 38.21
CA LYS D 28 -15.07 1.84 38.89
C LYS D 28 -14.78 1.90 40.40
N GLU D 29 -13.50 1.75 40.73
CA GLU D 29 -13.01 1.90 42.09
C GLU D 29 -12.73 3.36 42.41
N ILE D 30 -12.40 4.14 41.39
CA ILE D 30 -12.31 5.59 41.53
C ILE D 30 -13.19 6.24 40.46
N PRO D 31 -13.82 7.38 40.80
CA PRO D 31 -14.80 7.99 39.90
C PRO D 31 -14.19 8.61 38.64
N ALA D 32 -14.98 8.63 37.57
CA ALA D 32 -14.58 9.32 36.36
C ALA D 32 -15.80 9.87 35.64
N LYS D 33 -15.57 10.84 34.77
CA LYS D 33 -16.67 11.40 34.00
C LYS D 33 -16.74 10.68 32.66
N ILE D 34 -17.51 9.61 32.63
CA ILE D 34 -17.49 8.70 31.49
C ILE D 34 -18.39 9.20 30.35
N ILE D 35 -17.84 9.17 29.15
CA ILE D 35 -18.54 9.61 27.95
C ILE D 35 -19.13 8.43 27.20
N PHE D 36 -18.35 7.36 27.13
CA PHE D 36 -18.71 6.17 26.37
C PHE D 36 -18.08 4.94 27.00
N GLU D 37 -18.79 3.81 26.94
CA GLU D 37 -18.25 2.55 27.43
C GLU D 37 -18.79 1.39 26.62
N ASP D 38 -17.91 0.49 26.19
CA ASP D 38 -18.35 -0.78 25.63
C ASP D 38 -17.44 -1.92 26.08
N ASP D 39 -17.56 -3.08 25.45
CA ASP D 39 -16.75 -4.22 25.85
C ASP D 39 -15.25 -4.05 25.61
N ARG D 40 -14.87 -3.13 24.73
CA ARG D 40 -13.46 -3.00 24.36
C ARG D 40 -12.80 -1.73 24.88
N CYS D 41 -13.58 -0.73 25.22
CA CYS D 41 -12.96 0.55 25.58
C CYS D 41 -13.83 1.42 26.48
N LEU D 42 -13.24 2.53 26.91
CA LEU D 42 -13.86 3.46 27.84
C LEU D 42 -13.34 4.84 27.49
N ALA D 43 -14.24 5.81 27.38
CA ALA D 43 -13.87 7.20 27.12
C ALA D 43 -14.27 8.02 28.35
N PHE D 44 -13.41 8.91 28.79
CA PHE D 44 -13.73 9.72 29.98
C PHE D 44 -12.92 11.00 29.96
N HIS D 45 -13.41 12.05 30.62
CA HIS D 45 -12.73 13.35 30.58
C HIS D 45 -11.41 13.35 31.36
N ASP D 46 -10.46 14.14 30.88
CA ASP D 46 -9.15 14.24 31.51
C ASP D 46 -9.27 15.14 32.75
N ILE D 47 -8.57 14.80 33.82
CA ILE D 47 -8.72 15.58 35.06
C ILE D 47 -7.87 16.84 35.02
N SER D 48 -6.96 16.91 34.05
CA SER D 48 -6.12 18.08 33.85
C SER D 48 -6.22 18.54 32.41
N PRO D 49 -7.38 19.08 32.02
CA PRO D 49 -7.61 19.39 30.60
C PRO D 49 -6.66 20.44 30.04
N GLN D 50 -6.15 20.17 28.84
CA GLN D 50 -5.26 21.11 28.14
C GLN D 50 -6.00 21.87 27.05
N ALA D 51 -7.31 21.66 26.97
CA ALA D 51 -8.17 22.38 26.05
C ALA D 51 -9.57 22.39 26.64
N PRO D 52 -10.47 23.25 26.12
CA PRO D 52 -11.79 23.33 26.74
C PRO D 52 -12.55 22.00 26.76
N THR D 53 -12.32 21.18 25.75
CA THR D 53 -12.71 19.79 25.80
C THR D 53 -11.47 18.93 25.68
N HIS D 54 -11.30 18.01 26.62
CA HIS D 54 -10.15 17.12 26.65
C HIS D 54 -10.55 15.80 27.30
N PHE D 55 -10.61 14.74 26.49
CA PHE D 55 -10.94 13.43 27.04
C PHE D 55 -9.97 12.39 26.51
N LEU D 56 -10.06 11.20 27.11
CA LEU D 56 -9.21 10.08 26.78
C LEU D 56 -10.04 8.90 26.31
N VAL D 57 -9.51 8.14 25.37
CA VAL D 57 -10.10 6.84 25.02
C VAL D 57 -9.10 5.73 25.32
N ILE D 58 -9.51 4.75 26.14
CA ILE D 58 -8.57 3.71 26.57
C ILE D 58 -9.17 2.32 26.35
N PRO D 59 -8.32 1.35 26.00
CA PRO D 59 -8.84 -0.01 25.89
C PRO D 59 -9.03 -0.61 27.27
N LYS D 60 -9.94 -1.57 27.40
CA LYS D 60 -10.11 -2.25 28.67
C LYS D 60 -9.00 -3.28 28.83
N LYS D 61 -8.52 -3.80 27.71
CA LYS D 61 -7.32 -4.64 27.72
C LYS D 61 -6.12 -3.81 28.14
N HIS D 62 -5.35 -4.32 29.10
CA HIS D 62 -4.18 -3.58 29.54
C HIS D 62 -3.01 -3.77 28.58
N ILE D 63 -2.69 -2.70 27.86
CA ILE D 63 -1.46 -2.59 27.08
C ILE D 63 -0.70 -1.39 27.65
N SER D 64 0.56 -1.60 28.02
CA SER D 64 1.26 -0.58 28.80
C SER D 64 1.59 0.66 27.97
N GLN D 65 1.91 0.46 26.69
CA GLN D 65 2.28 1.59 25.83
C GLN D 65 2.12 1.16 24.38
N ILE D 66 1.99 2.12 23.47
CA ILE D 66 1.72 1.81 22.07
C ILE D 66 2.85 0.98 21.45
N SER D 67 4.08 1.17 21.94
CA SER D 67 5.21 0.51 21.32
C SER D 67 5.26 -1.00 21.58
N VAL D 68 4.45 -1.49 22.50
CA VAL D 68 4.38 -2.94 22.75
C VAL D 68 3.11 -3.58 22.20
N ALA D 69 2.27 -2.78 21.54
CA ALA D 69 1.05 -3.33 20.91
C ALA D 69 1.42 -4.38 19.87
N GLU D 70 0.65 -5.45 19.86
CA GLU D 70 0.88 -6.58 18.96
C GLU D 70 0.08 -6.38 17.68
N ASP D 71 0.42 -7.14 16.64
CA ASP D 71 -0.33 -7.05 15.39
C ASP D 71 -1.82 -7.33 15.57
N ASP D 72 -2.16 -8.22 16.51
CA ASP D 72 -3.54 -8.57 16.74
C ASP D 72 -4.32 -7.47 17.47
N ASP D 73 -3.63 -6.43 17.91
CA ASP D 73 -4.27 -5.30 18.59
C ASP D 73 -4.74 -4.25 17.58
N GLU D 74 -4.53 -4.52 16.30
CA GLU D 74 -4.84 -3.56 15.24
C GLU D 74 -6.28 -3.06 15.26
N SER D 75 -7.24 -3.96 15.34
CA SER D 75 -8.65 -3.57 15.35
C SER D 75 -8.99 -2.76 16.59
N LEU D 76 -8.38 -3.14 17.71
CA LEU D 76 -8.63 -2.45 18.97
C LEU D 76 -8.15 -1.00 18.90
N LEU D 77 -6.93 -0.81 18.40
CA LEU D 77 -6.37 0.52 18.26
C LEU D 77 -7.23 1.39 17.35
N GLY D 78 -7.69 0.82 16.24
CA GLY D 78 -8.58 1.53 15.34
C GLY D 78 -9.90 1.88 15.99
N HIS D 79 -10.38 0.97 16.83
CA HIS D 79 -11.61 1.22 17.58
C HIS D 79 -11.45 2.43 18.51
N LEU D 80 -10.30 2.58 19.14
CA LEU D 80 -10.06 3.75 19.98
C LEU D 80 -10.21 5.05 19.18
N MET D 81 -9.74 5.04 17.94
CA MET D 81 -9.83 6.21 17.09
CA MET D 81 -9.84 6.23 17.12
C MET D 81 -11.26 6.49 16.63
N ILE D 82 -11.98 5.42 16.29
CA ILE D 82 -13.36 5.56 15.86
C ILE D 82 -14.23 6.08 17.00
N VAL D 83 -14.04 5.50 18.18
CA VAL D 83 -14.76 5.96 19.36
C VAL D 83 -14.36 7.40 19.68
N GLY D 84 -13.07 7.71 19.53
CA GLY D 84 -12.60 9.07 19.74
C GLY D 84 -13.32 10.06 18.83
N LYS D 85 -13.44 9.70 17.56
CA LYS D 85 -14.10 10.56 16.57
C LYS D 85 -15.59 10.71 16.85
N LYS D 86 -16.23 9.62 17.24
CA LYS D 86 -17.67 9.64 17.51
C LYS D 86 -17.99 10.44 18.76
N CYS D 87 -17.18 10.27 19.80
CA CYS D 87 -17.33 11.06 21.02
C CYS D 87 -17.13 12.55 20.75
N ALA D 88 -16.13 12.89 19.94
CA ALA D 88 -15.86 14.29 19.62
C ALA D 88 -17.07 14.91 18.95
N ALA D 89 -17.70 14.15 18.06
CA ALA D 89 -18.89 14.61 17.36
C ALA D 89 -20.05 14.81 18.32
N ASP D 90 -20.24 13.84 19.21
CA ASP D 90 -21.31 13.90 20.20
C ASP D 90 -21.11 15.10 21.13
N LEU D 91 -19.85 15.41 21.40
CA LEU D 91 -19.51 16.53 22.28
C LEU D 91 -19.43 17.86 21.53
N GLY D 92 -19.86 17.85 20.27
CA GLY D 92 -19.99 19.06 19.50
C GLY D 92 -18.71 19.74 19.05
N LEU D 93 -17.64 18.96 18.84
CA LEU D 93 -16.37 19.54 18.39
C LEU D 93 -16.33 19.62 16.87
N ASN D 94 -17.32 20.32 16.30
CA ASN D 94 -17.49 20.39 14.87
C ASN D 94 -16.48 21.29 14.16
N LYS D 95 -15.71 22.04 14.94
CA LYS D 95 -14.69 22.93 14.38
C LYS D 95 -13.34 22.24 14.32
N GLY D 96 -13.27 21.05 14.94
CA GLY D 96 -12.08 20.23 14.86
C GLY D 96 -11.51 19.81 16.21
N TYR D 97 -10.41 19.08 16.15
CA TYR D 97 -9.78 18.54 17.34
C TYR D 97 -8.47 17.88 16.97
N ARG D 98 -7.69 17.55 18.00
CA ARG D 98 -6.42 16.85 17.84
C ARG D 98 -6.40 15.58 18.67
N MET D 99 -5.95 14.48 18.06
CA MET D 99 -5.78 13.21 18.77
C MET D 99 -4.31 12.99 19.03
N VAL D 100 -3.98 12.50 20.21
CA VAL D 100 -2.59 12.35 20.60
C VAL D 100 -2.34 11.05 21.35
N VAL D 101 -1.29 10.34 20.97
CA VAL D 101 -0.76 9.24 21.77
C VAL D 101 0.67 9.56 22.20
N ASN D 102 0.91 9.53 23.50
CA ASN D 102 2.25 9.76 24.07
C ASN D 102 2.97 8.48 24.41
N GLU D 103 4.15 8.26 23.83
CA GLU D 103 4.93 7.06 24.10
C GLU D 103 6.24 7.35 24.81
N GLY D 104 6.44 6.74 25.96
CA GLY D 104 7.72 6.81 26.66
C GLY D 104 8.17 8.20 27.09
N SER D 105 9.46 8.32 27.40
CA SER D 105 10.04 9.53 27.96
C SER D 105 9.93 10.75 27.05
N ASP D 106 10.31 10.58 25.78
CA ASP D 106 10.29 11.70 24.84
C ASP D 106 8.85 12.09 24.48
N GLY D 107 7.93 11.14 24.62
CA GLY D 107 6.51 11.44 24.40
C GLY D 107 5.85 12.08 25.61
N GLY D 108 6.54 12.04 26.75
CA GLY D 108 6.01 12.58 27.98
C GLY D 108 5.04 11.67 28.70
N GLN D 109 5.01 10.39 28.33
CA GLN D 109 4.05 9.46 28.92
C GLN D 109 4.18 9.35 30.44
N SER D 110 3.05 9.36 31.14
CA SER D 110 3.06 9.23 32.60
CA SER D 110 3.03 9.25 32.60
C SER D 110 2.19 8.07 33.08
N VAL D 111 1.11 7.78 32.35
CA VAL D 111 0.27 6.63 32.72
C VAL D 111 0.53 5.52 31.70
N TYR D 112 1.04 4.38 32.18
CA TYR D 112 1.44 3.29 31.30
C TYR D 112 0.31 2.31 31.09
N HIS D 113 -0.73 2.84 30.46
CA HIS D 113 -1.88 2.11 29.97
C HIS D 113 -2.25 2.89 28.71
N VAL D 114 -2.15 2.24 27.55
N VAL D 114 -2.13 2.25 27.55
CA VAL D 114 -2.40 2.88 26.25
CA VAL D 114 -2.35 2.94 26.27
C VAL D 114 -3.64 3.76 26.24
C VAL D 114 -3.61 3.77 26.26
N HIS D 115 -3.49 5.00 25.79
CA HIS D 115 -4.64 5.87 25.67
C HIS D 115 -4.45 6.90 24.58
N LEU D 116 -5.59 7.29 24.03
CA LEU D 116 -5.71 8.30 23.01
C LEU D 116 -6.31 9.57 23.63
N HIS D 117 -5.56 10.67 23.63
CA HIS D 117 -6.12 11.99 23.97
C HIS D 117 -6.97 12.50 22.83
N VAL D 118 -8.09 13.15 23.13
CA VAL D 118 -8.78 13.96 22.15
C VAL D 118 -8.95 15.35 22.76
N LEU D 119 -8.43 16.37 22.08
CA LEU D 119 -8.47 17.74 22.56
C LEU D 119 -9.14 18.64 21.53
N GLY D 120 -10.03 19.53 22.00
CA GLY D 120 -10.71 20.46 21.13
C GLY D 120 -11.30 21.64 21.88
N GLY D 121 -12.04 22.49 21.17
CA GLY D 121 -12.67 23.65 21.78
C GLY D 121 -11.84 24.91 21.75
N ARG D 122 -10.65 24.83 21.13
CA ARG D 122 -9.79 25.97 20.88
C ARG D 122 -8.90 25.68 19.70
N GLN D 123 -8.26 26.72 19.19
CA GLN D 123 -7.24 26.51 18.16
C GLN D 123 -6.06 25.76 18.74
N MET D 124 -5.72 24.62 18.13
CA MET D 124 -4.49 23.92 18.49
C MET D 124 -3.35 24.46 17.65
N HIS D 125 -2.16 24.49 18.23
CA HIS D 125 -1.01 25.11 17.59
C HIS D 125 -0.04 24.08 17.05
N TRP D 126 0.90 24.54 16.24
CA TRP D 126 1.94 23.71 15.66
C TRP D 126 3.29 24.29 16.11
N PRO D 127 4.26 23.44 16.48
CA PRO D 127 4.29 21.98 16.57
C PRO D 127 3.39 21.48 17.69
N PRO D 128 3.01 20.20 17.67
CA PRO D 128 2.14 19.67 18.71
C PRO D 128 2.94 19.28 19.96
N GLY D 129 3.52 20.27 20.62
CA GLY D 129 4.47 20.01 21.69
C GLY D 129 5.88 19.94 21.18
P IMP E . 0.23 -2.98 -27.65
O1P IMP E . -0.80 -2.13 -26.94
O2P IMP E . -0.36 -4.09 -28.50
O3P IMP E . 1.38 -3.44 -26.79
O5' IMP E . 0.90 -2.01 -28.70
C5' IMP E . 1.93 -2.48 -29.56
C4' IMP E . 3.30 -2.07 -29.07
O4' IMP E . 4.29 -2.56 -30.00
C3' IMP E . 3.51 -0.55 -28.98
O3' IMP E . 4.31 -0.24 -27.83
C2' IMP E . 4.26 -0.24 -30.26
O2' IMP E . 5.06 0.93 -30.22
C1' IMP E . 5.11 -1.49 -30.44
N9 IMP E . 5.52 -1.73 -31.82
C8 IMP E . 4.72 -1.76 -32.90
N7 IMP E . 5.45 -2.00 -34.04
C5 IMP E . 6.74 -2.12 -33.67
C6 IMP E . 8.02 -2.38 -34.35
O6 IMP E . 8.06 -2.53 -35.60
N1 IMP E . 9.13 -2.42 -33.60
C2 IMP E . 9.09 -2.24 -32.26
N3 IMP E . 7.95 -2.00 -31.57
C4 IMP E . 6.77 -1.94 -32.21
P IMP F . 0.15 10.74 29.43
O1P IMP F . 1.29 11.63 29.02
O2P IMP F . 0.58 9.37 29.88
O3P IMP F . -1.04 10.71 28.50
O5' IMP F . -0.45 11.40 30.75
C5' IMP F . -1.58 10.84 31.40
C4' IMP F . -2.84 11.61 31.13
O4' IMP F . -3.93 11.00 31.89
C3' IMP F . -2.80 13.09 31.56
O3' IMP F . -3.53 13.89 30.63
C2' IMP F . -3.53 13.07 32.90
O2' IMP F . -4.15 14.28 33.26
C1' IMP F . -4.57 11.98 32.67
N9 IMP F . -5.02 11.34 33.91
C8 IMP F . -4.23 10.82 34.86
N7 IMP F . -4.97 10.32 35.88
C5 IMP F . -6.25 10.52 35.57
C6 IMP F . -7.56 10.25 36.22
O6 IMP F . -7.60 9.68 37.33
N1 IMP F . -8.67 10.62 35.57
C2 IMP F . -8.63 11.24 34.38
N3 IMP F . -7.49 11.54 33.73
C4 IMP F . -6.30 11.21 34.27
#